data_5ZS8
#
_entry.id   5ZS8
#
_cell.length_a   78.743
_cell.length_b   83.101
_cell.length_c   100.368
_cell.angle_alpha   90.000
_cell.angle_beta   90.000
_cell.angle_gamma   90.000
#
_symmetry.space_group_name_H-M   'P 21 21 21'
#
loop_
_entity.id
_entity.type
_entity.pdbx_description
1 polymer 'Phosphoglycerate mutase 1'
2 polymer 'Phosphoglycerate mutase 1'
3 non-polymer 'CHLORIDE ION'
4 non-polymer '2-(N-MORPHOLINO)-ETHANESULFONIC ACID'
5 non-polymer N-(3,4-dihydroxy-9,10-dioxo-9,10-dihydroanthracen-2-yl)-2-hydroxybenzene-1-sulfonamide
6 water water
#
loop_
_entity_poly.entity_id
_entity_poly.type
_entity_poly.pdbx_seq_one_letter_code
_entity_poly.pdbx_strand_id
1 'polypeptide(L)'
;AAYKLVLIRHGESAWNLENRFSGWYDADLSPAGHEEAKRGGQALRDAGYEFDICFTSVQKRAIRTLWTVLDAIDQMWLPV
VRTWRLNERHYGGLTGLNKAETAAKHGEAQVKIWRRSYDVPPPPMEPDHPFYSNISKDRRYADLTEDQLPSCESLKDTIA
RALPFWNEEIVPQIKEGKRVLIAAHGNSLRGIVKHLEGLSEEAIMELNLPTGIPIVYELDKNLKPIKPMQFLGD
;
B
2 'polypeptide(L)'
;AAYKLVLIR(NEP)GESAWNLENRFSGWYDADLSPAGHEEAKRGGQALRDAGYEFDICFTSVQKRAIRTLWTVLDAIDQM
WLPVVRTWRLNERHYGGLTGLN(ALY)AETAAKHGEAQVKIWRRSYDVPPPPMEPDHPFYSNISKDRRYADLTEDQLPSC
ESLKDTIARALPFWNEEIVPQIKEGKRVLIAAHGNSLRGIVKHLEGLSEEAIMELNLPTGIPIVYELDKNLKPIKPMQFL
GDEETVRK
;
C
#
# COMPACT_ATOMS: atom_id res chain seq x y z
N ALA A 2 20.97 -5.61 18.67
CA ALA A 2 20.31 -6.78 18.09
C ALA A 2 19.14 -6.40 17.18
N TYR A 3 19.21 -6.83 15.92
CA TYR A 3 18.13 -6.60 14.97
C TYR A 3 16.83 -7.26 15.42
N LYS A 4 15.71 -6.59 15.12
CA LYS A 4 14.39 -7.13 15.38
C LYS A 4 13.64 -7.37 14.05
N LEU A 5 13.16 -8.59 13.84
CA LEU A 5 12.39 -8.95 12.65
C LEU A 5 11.04 -9.50 13.06
N VAL A 6 9.97 -9.06 12.41
CA VAL A 6 8.65 -9.56 12.73
C VAL A 6 8.00 -10.14 11.48
N LEU A 7 7.39 -11.31 11.62
CA LEU A 7 6.68 -11.93 10.50
C LEU A 7 5.24 -12.10 10.91
N ILE A 8 4.33 -12.04 9.95
CA ILE A 8 2.95 -12.42 10.22
C ILE A 8 2.33 -13.18 9.08
N ARG A 9 1.69 -14.29 9.39
CA ARG A 9 1.01 -15.11 8.42
C ARG A 9 -0.46 -14.72 8.41
N HIS A 10 -1.03 -14.51 7.23
CA HIS A 10 -2.45 -14.11 7.14
C HIS A 10 -3.34 -15.24 7.68
N GLY A 11 -4.54 -14.89 8.12
CA GLY A 11 -5.47 -15.88 8.62
C GLY A 11 -6.40 -16.41 7.54
N GLU A 12 -7.56 -16.85 7.97
CA GLU A 12 -8.53 -17.53 7.14
C GLU A 12 -8.93 -16.74 5.90
N SER A 13 -8.99 -17.42 4.76
CA SER A 13 -9.49 -16.79 3.55
C SER A 13 -10.93 -17.22 3.30
N ALA A 14 -11.57 -16.58 2.34
CA ALA A 14 -13.00 -16.81 2.08
C ALA A 14 -13.24 -18.20 1.53
N TRP A 15 -14.47 -18.69 1.72
CA TRP A 15 -14.95 -19.91 1.08
C TRP A 15 -14.13 -21.15 1.46
N ASN A 16 -13.55 -21.13 2.66
CA ASN A 16 -12.78 -22.24 3.19
C ASN A 16 -11.55 -22.51 2.32
N LEU A 17 -11.06 -21.48 1.64
CA LEU A 17 -10.07 -21.72 0.60
C LEU A 17 -8.72 -22.20 1.12
N GLU A 18 -8.41 -21.90 2.38
CA GLU A 18 -7.16 -22.41 2.94
C GLU A 18 -7.18 -23.94 3.02
N ASN A 19 -8.38 -24.51 3.07
CA ASN A 19 -8.49 -25.97 3.07
C ASN A 19 -8.77 -26.50 1.67
N ARG A 20 -8.57 -25.65 0.67
CA ARG A 20 -8.84 -26.03 -0.71
C ARG A 20 -7.69 -25.62 -1.60
N PHE A 21 -6.47 -25.74 -1.08
CA PHE A 21 -5.27 -25.42 -1.85
C PHE A 21 -5.33 -24.04 -2.51
N SER A 22 -5.72 -23.03 -1.73
CA SER A 22 -5.95 -21.68 -2.27
C SER A 22 -4.81 -21.20 -3.18
N GLY A 23 -3.57 -21.55 -2.79
CA GLY A 23 -2.40 -21.28 -3.61
C GLY A 23 -2.37 -19.91 -4.27
N TRP A 24 -2.22 -19.90 -5.58
CA TRP A 24 -2.15 -18.63 -6.32
C TRP A 24 -3.52 -18.06 -6.69
N TYR A 25 -4.61 -18.71 -6.29
CA TYR A 25 -5.90 -18.06 -6.48
C TYR A 25 -5.96 -16.91 -5.50
N ASP A 26 -6.45 -15.76 -5.98
CA ASP A 26 -6.36 -14.53 -5.20
C ASP A 26 -7.52 -14.37 -4.22
N ALA A 27 -7.66 -15.32 -3.31
CA ALA A 27 -8.76 -15.30 -2.36
C ALA A 27 -8.61 -14.14 -1.36
N ASP A 28 -9.72 -13.54 -0.94
CA ASP A 28 -9.65 -12.49 0.06
C ASP A 28 -9.70 -13.15 1.43
N LEU A 29 -9.41 -12.36 2.46
CA LEU A 29 -9.63 -12.80 3.83
C LEU A 29 -11.13 -12.99 4.07
N SER A 30 -11.48 -13.96 4.90
CA SER A 30 -12.84 -14.00 5.43
C SER A 30 -12.93 -12.97 6.55
N PRO A 31 -14.14 -12.66 7.02
CA PRO A 31 -14.24 -11.70 8.13
C PRO A 31 -13.44 -12.17 9.34
N ALA A 32 -13.51 -13.47 9.64
CA ALA A 32 -12.74 -14.03 10.74
C ALA A 32 -11.24 -13.83 10.50
N GLY A 33 -10.81 -13.98 9.25
CA GLY A 33 -9.39 -13.82 8.92
C GLY A 33 -8.99 -12.37 9.10
N HIS A 34 -9.89 -11.48 8.75
CA HIS A 34 -9.64 -10.06 8.91
C HIS A 34 -9.52 -9.70 10.41
N GLU A 35 -10.39 -10.27 11.24
CA GLU A 35 -10.37 -10.00 12.69
C GLU A 35 -9.09 -10.49 13.33
N GLU A 36 -8.62 -11.66 12.90
CA GLU A 36 -7.33 -12.19 13.34
C GLU A 36 -6.25 -11.14 13.10
N ALA A 37 -6.21 -10.60 11.88
CA ALA A 37 -5.24 -9.55 11.55
C ALA A 37 -5.37 -8.35 12.50
N LYS A 38 -6.59 -8.00 12.87
CA LYS A 38 -6.80 -6.85 13.76
C LYS A 38 -6.18 -7.13 15.11
N ARG A 39 -6.45 -8.32 15.64
CA ARG A 39 -5.93 -8.71 16.95
C ARG A 39 -4.41 -8.76 16.90
N GLY A 40 -3.87 -9.30 15.80
CA GLY A 40 -2.43 -9.33 15.62
C GLY A 40 -1.86 -7.92 15.64
N GLY A 41 -2.55 -7.00 14.95
CA GLY A 41 -2.12 -5.61 14.90
C GLY A 41 -2.17 -4.92 16.26
N GLN A 42 -3.25 -5.19 17.00
CA GLN A 42 -3.39 -4.65 18.36
C GLN A 42 -2.25 -5.11 19.31
N ALA A 43 -1.87 -6.38 19.21
CA ALA A 43 -0.72 -6.89 19.96
C ALA A 43 0.52 -6.05 19.65
N LEU A 44 0.80 -5.84 18.37
CA LEU A 44 1.94 -5.01 17.98
C LEU A 44 1.83 -3.57 18.49
N ARG A 45 0.61 -3.04 18.52
CA ARG A 45 0.39 -1.71 19.04
C ARG A 45 0.67 -1.70 20.54
N ASP A 46 0.11 -2.68 21.26
CA ASP A 46 0.24 -2.72 22.72
C ASP A 46 1.70 -2.82 23.14
N ALA A 47 2.51 -3.50 22.32
CA ALA A 47 3.92 -3.69 22.60
C ALA A 47 4.78 -2.51 22.15
N GLY A 48 4.19 -1.58 21.40
CA GLY A 48 4.90 -0.38 20.98
C GLY A 48 5.85 -0.61 19.80
N TYR A 49 5.65 -1.68 19.04
CA TYR A 49 6.53 -1.94 17.89
C TYR A 49 6.52 -0.85 16.82
N GLU A 50 7.72 -0.49 16.34
CA GLU A 50 7.87 0.45 15.24
C GLU A 50 8.59 -0.21 14.07
N PHE A 51 8.11 0.03 12.84
CA PHE A 51 8.80 -0.54 11.69
C PHE A 51 9.28 0.56 10.76
N ASP A 52 10.18 0.22 9.85
CA ASP A 52 10.69 1.18 8.89
C ASP A 52 10.33 0.79 7.44
N ILE A 53 10.03 -0.48 7.21
CA ILE A 53 9.67 -0.96 5.87
C ILE A 53 8.91 -2.28 5.96
N CYS A 54 8.01 -2.53 5.02
CA CYS A 54 7.24 -3.77 5.04
C CYS A 54 7.33 -4.52 3.72
N PHE A 55 7.35 -5.85 3.80
CA PHE A 55 7.31 -6.69 2.61
C PHE A 55 6.09 -7.58 2.68
N THR A 56 5.45 -7.80 1.53
CA THR A 56 4.32 -8.72 1.47
C THR A 56 4.28 -9.35 0.09
N SER A 57 3.37 -10.29 -0.15
CA SER A 57 3.25 -10.87 -1.48
C SER A 57 2.40 -9.99 -2.40
N VAL A 58 1.97 -10.53 -3.54
CA VAL A 58 1.04 -9.76 -4.39
C VAL A 58 -0.35 -10.34 -4.30
N GLN A 59 -0.60 -11.09 -3.23
CA GLN A 59 -1.89 -11.71 -3.04
C GLN A 59 -2.70 -10.93 -1.99
N LYS A 60 -3.96 -10.64 -2.29
CA LYS A 60 -4.70 -9.70 -1.47
C LYS A 60 -4.91 -10.11 -0.03
N ARG A 61 -4.99 -11.41 0.23
CA ARG A 61 -5.16 -11.87 1.60
C ARG A 61 -3.96 -11.51 2.48
N ALA A 62 -2.74 -11.58 1.93
CA ALA A 62 -1.56 -11.14 2.67
C ALA A 62 -1.55 -9.62 2.74
N ILE A 63 -1.86 -8.98 1.62
CA ILE A 63 -1.81 -7.52 1.55
C ILE A 63 -2.81 -6.87 2.52
N ARG A 64 -4.02 -7.44 2.63
CA ARG A 64 -5.03 -6.92 3.54
C ARG A 64 -4.61 -7.13 4.99
N THR A 65 -3.90 -8.22 5.24
CA THR A 65 -3.40 -8.47 6.59
C THR A 65 -2.44 -7.34 6.96
N LEU A 66 -1.52 -7.02 6.04
CA LEU A 66 -0.56 -5.94 6.26
C LEU A 66 -1.28 -4.61 6.47
N TRP A 67 -2.22 -4.28 5.58
CA TRP A 67 -2.98 -3.04 5.68
C TRP A 67 -3.62 -2.93 7.08
N THR A 68 -4.25 -4.02 7.53
CA THR A 68 -4.94 -4.07 8.82
C THR A 68 -3.95 -3.84 9.97
N VAL A 69 -2.79 -4.46 9.88
CA VAL A 69 -1.74 -4.28 10.88
C VAL A 69 -1.23 -2.84 10.92
N LEU A 70 -0.89 -2.29 9.75
CA LEU A 70 -0.37 -0.91 9.67
C LEU A 70 -1.40 0.08 10.20
N ASP A 71 -2.67 -0.15 9.90
CA ASP A 71 -3.73 0.69 10.40
C ASP A 71 -3.73 0.65 11.93
N ALA A 72 -3.75 -0.57 12.47
CA ALA A 72 -3.76 -0.77 13.92
C ALA A 72 -2.59 -0.10 14.65
N ILE A 73 -1.41 -0.10 14.04
CA ILE A 73 -0.25 0.48 14.71
C ILE A 73 0.04 1.91 14.27
N ASP A 74 -0.86 2.49 13.49
CA ASP A 74 -0.73 3.88 13.04
C ASP A 74 0.55 4.11 12.23
N GLN A 75 0.87 3.19 11.34
CA GLN A 75 2.07 3.30 10.53
C GLN A 75 1.75 3.01 9.07
N MET A 76 0.61 3.55 8.63
CA MET A 76 0.15 3.44 7.25
C MET A 76 1.06 4.20 6.28
N TRP A 77 1.92 5.07 6.82
CA TRP A 77 2.82 5.88 6.00
C TRP A 77 4.09 5.13 5.61
N LEU A 78 4.25 3.90 6.09
CA LEU A 78 5.48 3.15 5.82
C LEU A 78 5.63 2.70 4.37
N PRO A 79 6.89 2.61 3.89
CA PRO A 79 7.12 2.02 2.57
C PRO A 79 6.72 0.54 2.58
N VAL A 80 5.98 0.14 1.53
CA VAL A 80 5.50 -1.22 1.39
C VAL A 80 5.99 -1.75 0.05
N VAL A 81 6.60 -2.93 0.07
CA VAL A 81 7.09 -3.57 -1.15
C VAL A 81 6.41 -4.93 -1.35
N ARG A 82 5.85 -5.13 -2.54
CA ARG A 82 5.10 -6.34 -2.87
C ARG A 82 5.90 -7.20 -3.82
N THR A 83 5.88 -8.51 -3.62
CA THR A 83 6.56 -9.37 -4.57
C THR A 83 5.89 -10.72 -4.71
N TRP A 84 5.78 -11.22 -5.94
CA TRP A 84 5.31 -12.57 -6.18
C TRP A 84 6.15 -13.61 -5.43
N ARG A 85 7.41 -13.26 -5.14
CA ARG A 85 8.30 -14.22 -4.49
C ARG A 85 7.89 -14.58 -3.06
N LEU A 86 7.01 -13.79 -2.45
CA LEU A 86 6.49 -14.16 -1.12
C LEU A 86 5.12 -14.80 -1.21
N ASN A 87 4.67 -15.10 -2.43
CA ASN A 87 3.41 -15.80 -2.62
C ASN A 87 3.41 -17.17 -1.95
N GLU A 88 2.21 -17.64 -1.64
CA GLU A 88 1.93 -19.03 -1.34
C GLU A 88 2.45 -19.95 -2.45
N ARG A 89 2.55 -21.24 -2.15
CA ARG A 89 2.84 -22.24 -3.19
C ARG A 89 1.80 -22.21 -4.29
N HIS A 90 2.26 -22.26 -5.54
CA HIS A 90 1.36 -22.48 -6.65
C HIS A 90 1.01 -23.97 -6.68
N TYR A 91 -0.22 -24.31 -6.30
CA TYR A 91 -0.63 -25.70 -6.19
C TYR A 91 -1.17 -26.29 -7.50
N GLY A 92 -1.07 -25.53 -8.59
CA GLY A 92 -1.46 -26.03 -9.91
C GLY A 92 -2.88 -26.58 -9.99
N GLY A 93 -3.02 -27.76 -10.58
CA GLY A 93 -4.32 -28.37 -10.77
C GLY A 93 -5.10 -28.67 -9.50
N LEU A 94 -4.40 -28.78 -8.37
CA LEU A 94 -5.06 -29.01 -7.08
C LEU A 94 -5.80 -27.77 -6.58
N THR A 95 -5.41 -26.59 -7.06
CA THR A 95 -5.95 -25.30 -6.61
C THR A 95 -7.49 -25.27 -6.64
N GLY A 96 -8.12 -24.96 -5.50
CA GLY A 96 -9.57 -24.90 -5.43
C GLY A 96 -10.25 -26.19 -4.98
N LEU A 97 -9.50 -27.28 -4.95
CA LEU A 97 -10.08 -28.60 -4.64
C LEU A 97 -9.94 -28.94 -3.16
N ASN A 98 -10.99 -29.53 -2.58
CA ASN A 98 -10.85 -30.10 -1.23
C ASN A 98 -10.11 -31.44 -1.27
N LYS A 99 -9.93 -32.04 -0.10
CA LYS A 99 -9.15 -33.27 0.00
C LYS A 99 -9.79 -34.41 -0.77
N ALA A 100 -11.09 -34.58 -0.59
CA ALA A 100 -11.82 -35.63 -1.29
C ALA A 100 -11.71 -35.46 -2.80
N GLU A 101 -11.92 -34.24 -3.29
CA GLU A 101 -11.88 -33.98 -4.73
C GLU A 101 -10.49 -34.22 -5.30
N THR A 102 -9.47 -33.91 -4.52
CA THR A 102 -8.08 -34.16 -4.91
C THR A 102 -7.88 -35.67 -5.12
N ALA A 103 -8.25 -36.45 -4.12
CA ALA A 103 -8.14 -37.90 -4.21
C ALA A 103 -8.91 -38.45 -5.42
N ALA A 104 -10.19 -38.07 -5.52
CA ALA A 104 -11.04 -38.55 -6.61
C ALA A 104 -10.46 -38.25 -7.98
N LYS A 105 -9.77 -37.12 -8.11
CA LYS A 105 -9.26 -36.69 -9.41
C LYS A 105 -7.97 -37.41 -9.78
N HIS A 106 -7.05 -37.47 -8.82
CA HIS A 106 -5.67 -37.86 -9.12
C HIS A 106 -5.27 -39.17 -8.49
N GLY A 107 -6.16 -39.73 -7.68
CA GLY A 107 -5.93 -41.02 -7.06
C GLY A 107 -5.17 -40.93 -5.75
N GLU A 108 -5.36 -41.94 -4.90
CA GLU A 108 -4.71 -42.03 -3.59
C GLU A 108 -3.19 -42.11 -3.66
N ALA A 109 -2.67 -42.71 -4.73
CA ALA A 109 -1.22 -42.87 -4.88
C ALA A 109 -0.49 -41.54 -4.98
N GLN A 110 -0.80 -40.78 -6.04
CA GLN A 110 -0.17 -39.47 -6.23
C GLN A 110 -0.43 -38.54 -5.05
N VAL A 111 -1.67 -38.54 -4.56
CA VAL A 111 -2.10 -37.71 -3.45
C VAL A 111 -1.21 -37.89 -2.23
N LYS A 112 -0.96 -39.15 -1.88
CA LYS A 112 -0.10 -39.44 -0.74
C LYS A 112 1.32 -38.88 -0.95
N ILE A 113 1.87 -39.12 -2.13
CA ILE A 113 3.21 -38.62 -2.47
C ILE A 113 3.29 -37.09 -2.36
N TRP A 114 2.37 -36.40 -3.04
CA TRP A 114 2.27 -34.94 -2.99
C TRP A 114 2.24 -34.37 -1.58
N ARG A 115 1.45 -34.98 -0.70
CA ARG A 115 1.30 -34.49 0.67
C ARG A 115 2.58 -34.59 1.51
N ARG A 116 3.29 -35.70 1.40
CA ARG A 116 4.49 -35.94 2.22
C ARG A 116 5.79 -35.48 1.57
N SER A 117 5.74 -35.20 0.27
CA SER A 117 6.94 -34.86 -0.47
C SER A 117 7.41 -33.41 -0.24
N TYR A 118 8.72 -33.23 -0.09
CA TYR A 118 9.30 -31.90 0.05
C TYR A 118 9.62 -31.29 -1.31
N ASP A 119 9.90 -32.14 -2.31
CA ASP A 119 10.38 -31.66 -3.61
C ASP A 119 9.68 -32.23 -4.84
N VAL A 120 8.56 -32.92 -4.65
CA VAL A 120 7.73 -33.37 -5.78
C VAL A 120 6.60 -32.35 -6.03
N PRO A 121 6.56 -31.77 -7.23
CA PRO A 121 5.54 -30.75 -7.50
C PRO A 121 4.17 -31.38 -7.78
N PRO A 122 3.09 -30.67 -7.47
CA PRO A 122 1.77 -31.13 -7.93
C PRO A 122 1.70 -30.99 -9.45
N PRO A 123 0.62 -31.49 -10.07
CA PRO A 123 0.47 -31.32 -11.52
C PRO A 123 -0.01 -29.91 -11.85
N PRO A 124 0.33 -29.40 -13.04
CA PRO A 124 -0.09 -28.05 -13.45
C PRO A 124 -1.57 -28.02 -13.80
N MET A 125 -2.17 -26.84 -13.84
CA MET A 125 -3.56 -26.71 -14.28
C MET A 125 -3.73 -27.16 -15.73
N GLU A 126 -4.75 -27.98 -15.97
CA GLU A 126 -5.17 -28.27 -17.34
C GLU A 126 -6.03 -27.13 -17.81
N PRO A 127 -6.10 -26.91 -19.14
CA PRO A 127 -6.81 -25.79 -19.76
C PRO A 127 -8.26 -25.69 -19.33
N ASP A 128 -8.81 -26.75 -18.72
CA ASP A 128 -10.20 -26.73 -18.27
C ASP A 128 -10.33 -26.46 -16.77
N HIS A 129 -9.21 -26.23 -16.10
CA HIS A 129 -9.28 -25.87 -14.68
C HIS A 129 -9.98 -24.53 -14.56
N PRO A 130 -10.92 -24.41 -13.61
CA PRO A 130 -11.65 -23.15 -13.49
C PRO A 130 -10.75 -21.94 -13.22
N PHE A 131 -9.54 -22.16 -12.70
CA PHE A 131 -8.62 -21.05 -12.44
C PHE A 131 -7.55 -20.86 -13.52
N TYR A 132 -7.69 -21.59 -14.62
CA TYR A 132 -6.61 -21.68 -15.61
C TYR A 132 -6.16 -20.32 -16.11
N SER A 133 -7.08 -19.58 -16.73
CA SER A 133 -6.73 -18.26 -17.26
C SER A 133 -6.74 -17.21 -16.15
N ASN A 134 -7.55 -17.42 -15.12
CA ASN A 134 -7.60 -16.50 -13.99
C ASN A 134 -6.22 -16.28 -13.35
N ILE A 135 -5.45 -17.34 -13.20
CA ILE A 135 -4.12 -17.23 -12.63
C ILE A 135 -3.03 -17.01 -13.69
N SER A 136 -2.97 -17.87 -14.70
CA SER A 136 -1.82 -17.85 -15.63
C SER A 136 -1.77 -16.60 -16.51
N LYS A 137 -2.91 -15.95 -16.73
CA LYS A 137 -2.95 -14.72 -17.54
C LYS A 137 -3.11 -13.45 -16.70
N ASP A 138 -3.15 -13.58 -15.38
CA ASP A 138 -3.29 -12.42 -14.51
C ASP A 138 -2.09 -11.49 -14.77
N ARG A 139 -2.36 -10.22 -15.05
CA ARG A 139 -1.29 -9.32 -15.48
C ARG A 139 -0.28 -8.98 -14.38
N ARG A 140 -0.57 -9.36 -13.13
CA ARG A 140 0.36 -9.05 -12.05
C ARG A 140 1.63 -9.87 -12.21
N TYR A 141 1.55 -10.91 -13.03
CA TYR A 141 2.72 -11.76 -13.30
C TYR A 141 3.30 -11.54 -14.70
N ALA A 142 2.89 -10.47 -15.37
CA ALA A 142 3.31 -10.25 -16.76
C ALA A 142 4.82 -10.02 -16.92
N ASP A 143 5.49 -9.55 -15.88
CA ASP A 143 6.94 -9.31 -15.98
C ASP A 143 7.77 -10.57 -15.77
N LEU A 144 7.13 -11.67 -15.37
CA LEU A 144 7.88 -12.89 -15.15
C LEU A 144 8.37 -13.50 -16.46
N THR A 145 9.64 -13.90 -16.50
CA THR A 145 10.17 -14.70 -17.60
C THR A 145 9.31 -15.97 -17.71
N GLU A 146 9.38 -16.62 -18.87
CA GLU A 146 8.67 -17.87 -19.10
CA GLU A 146 8.63 -17.86 -19.06
C GLU A 146 9.04 -18.94 -18.07
N ASP A 147 10.32 -18.97 -17.71
CA ASP A 147 10.83 -19.98 -16.80
C ASP A 147 10.75 -19.55 -15.34
N GLN A 148 10.49 -18.27 -15.11
CA GLN A 148 10.16 -17.81 -13.77
C GLN A 148 8.70 -18.12 -13.45
N LEU A 149 7.85 -18.13 -14.48
CA LEU A 149 6.40 -18.25 -14.27
C LEU A 149 6.01 -19.66 -13.89
N PRO A 150 5.71 -19.87 -12.61
CA PRO A 150 5.41 -21.24 -12.15
C PRO A 150 4.04 -21.65 -12.66
N SER A 151 3.84 -22.96 -12.85
CA SER A 151 2.53 -23.50 -13.14
C SER A 151 2.21 -24.46 -12.02
N CYS A 152 3.21 -24.76 -11.20
CA CYS A 152 3.00 -25.67 -10.09
C CYS A 152 4.31 -25.75 -9.35
N GLU A 153 4.26 -25.80 -8.02
CA GLU A 153 5.49 -25.74 -7.22
C GLU A 153 5.47 -26.74 -6.09
N SER A 154 6.59 -27.42 -5.86
CA SER A 154 6.76 -28.19 -4.63
C SER A 154 7.12 -27.17 -3.56
N LEU A 155 7.15 -27.58 -2.29
CA LEU A 155 7.61 -26.68 -1.24
C LEU A 155 9.02 -26.21 -1.54
N LYS A 156 9.85 -27.10 -2.07
CA LYS A 156 11.22 -26.75 -2.40
C LYS A 156 11.28 -25.63 -3.43
N ASP A 157 10.51 -25.74 -4.50
CA ASP A 157 10.43 -24.70 -5.52
C ASP A 157 10.06 -23.35 -4.89
N THR A 158 9.02 -23.36 -4.05
CA THR A 158 8.55 -22.14 -3.39
C THR A 158 9.66 -21.52 -2.56
N ILE A 159 10.25 -22.30 -1.67
CA ILE A 159 11.37 -21.79 -0.88
C ILE A 159 12.52 -21.28 -1.78
N ALA A 160 12.70 -21.89 -2.95
CA ALA A 160 13.86 -21.50 -3.78
C ALA A 160 13.65 -20.18 -4.50
N ARG A 161 12.40 -19.81 -4.77
CA ARG A 161 12.17 -18.50 -5.40
C ARG A 161 11.89 -17.38 -4.37
N ALA A 162 11.64 -17.76 -3.12
CA ALA A 162 11.49 -16.78 -2.05
C ALA A 162 12.84 -16.32 -1.48
N LEU A 163 13.78 -17.24 -1.32
CA LEU A 163 15.07 -16.92 -0.71
C LEU A 163 15.92 -15.86 -1.43
N PRO A 164 15.90 -15.85 -2.78
CA PRO A 164 16.61 -14.77 -3.50
C PRO A 164 16.07 -13.40 -3.15
N PHE A 165 14.75 -13.28 -3.00
CA PHE A 165 14.18 -12.01 -2.57
C PHE A 165 14.63 -11.63 -1.15
N TRP A 166 14.58 -12.59 -0.23
CA TRP A 166 15.11 -12.37 1.11
C TRP A 166 16.56 -11.86 1.05
N ASN A 167 17.41 -12.58 0.31
CA ASN A 167 18.83 -12.21 0.22
C ASN A 167 19.06 -10.86 -0.48
N GLU A 168 18.39 -10.65 -1.59
CA GLU A 168 18.68 -9.46 -2.39
C GLU A 168 17.96 -8.20 -1.93
N GLU A 169 16.79 -8.36 -1.31
CA GLU A 169 15.98 -7.20 -0.99
C GLU A 169 15.77 -7.00 0.50
N ILE A 170 15.59 -8.09 1.24
CA ILE A 170 15.28 -7.94 2.66
C ILE A 170 16.56 -7.80 3.53
N VAL A 171 17.49 -8.72 3.36
CA VAL A 171 18.76 -8.70 4.12
C VAL A 171 19.45 -7.31 4.17
N PRO A 172 19.58 -6.63 3.01
CA PRO A 172 20.23 -5.32 3.04
C PRO A 172 19.49 -4.29 3.89
N GLN A 173 18.17 -4.35 3.94
CA GLN A 173 17.41 -3.43 4.79
C GLN A 173 17.70 -3.70 6.26
N ILE A 174 17.70 -4.96 6.65
CA ILE A 174 18.02 -5.33 8.02
C ILE A 174 19.43 -4.86 8.43
N LYS A 175 20.44 -5.15 7.59
CA LYS A 175 21.82 -4.76 7.87
C LYS A 175 22.02 -3.25 8.05
N GLU A 176 21.24 -2.43 7.36
CA GLU A 176 21.32 -0.99 7.61
C GLU A 176 20.45 -0.54 8.80
N GLY A 177 19.96 -1.50 9.58
CA GLY A 177 19.17 -1.18 10.76
C GLY A 177 17.69 -0.92 10.55
N LYS A 178 17.18 -1.14 9.35
CA LYS A 178 15.74 -0.97 9.12
C LYS A 178 14.93 -2.05 9.86
N ARG A 179 13.88 -1.63 10.56
CA ARG A 179 13.04 -2.58 11.26
C ARG A 179 11.97 -3.10 10.29
N VAL A 180 12.07 -4.38 9.96
CA VAL A 180 11.32 -5.00 8.87
C VAL A 180 10.09 -5.73 9.40
N LEU A 181 8.96 -5.56 8.72
CA LEU A 181 7.78 -6.39 8.98
C LEU A 181 7.51 -7.13 7.68
N ILE A 182 7.29 -8.45 7.78
CA ILE A 182 6.93 -9.24 6.62
C ILE A 182 5.55 -9.86 6.84
N ALA A 183 4.61 -9.55 5.96
CA ALA A 183 3.28 -10.15 6.00
C ALA A 183 3.12 -11.06 4.79
N ALA A 184 2.97 -12.36 5.03
CA ALA A 184 2.95 -13.30 3.93
C ALA A 184 2.18 -14.59 4.21
N HIS A 185 2.68 -15.70 3.67
CA HIS A 185 1.94 -16.95 3.67
C HIS A 185 2.70 -18.06 4.40
N GLY A 186 1.99 -19.10 4.81
CA GLY A 186 2.60 -20.20 5.55
C GLY A 186 3.85 -20.70 4.86
N ASN A 187 3.71 -21.07 3.59
CA ASN A 187 4.83 -21.67 2.88
C ASN A 187 5.98 -20.74 2.51
N SER A 188 5.69 -19.48 2.22
CA SER A 188 6.78 -18.54 1.92
C SER A 188 7.54 -18.18 3.19
N LEU A 189 6.79 -18.01 4.28
CA LEU A 189 7.39 -17.78 5.59
C LEU A 189 8.24 -18.98 6.05
N ARG A 190 7.78 -20.19 5.73
CA ARG A 190 8.58 -21.39 5.97
C ARG A 190 9.96 -21.26 5.36
N GLY A 191 10.04 -20.76 4.12
CA GLY A 191 11.32 -20.54 3.47
C GLY A 191 12.24 -19.70 4.34
N ILE A 192 11.70 -18.59 4.83
CA ILE A 192 12.50 -17.67 5.64
C ILE A 192 12.91 -18.32 6.97
N VAL A 193 11.96 -18.98 7.62
CA VAL A 193 12.27 -19.68 8.88
C VAL A 193 13.32 -20.79 8.70
N LYS A 194 13.18 -21.58 7.64
CA LYS A 194 14.12 -22.67 7.35
C LYS A 194 15.55 -22.13 7.17
N HIS A 195 15.68 -21.01 6.46
CA HIS A 195 16.98 -20.38 6.28
C HIS A 195 17.52 -19.75 7.57
N LEU A 196 16.67 -19.05 8.33
CA LEU A 196 17.12 -18.44 9.59
C LEU A 196 17.61 -19.46 10.63
N GLU A 197 16.87 -20.54 10.80
CA GLU A 197 17.15 -21.51 11.86
C GLU A 197 17.94 -22.74 11.36
N GLY A 198 18.27 -22.75 10.07
CA GLY A 198 18.95 -23.89 9.48
C GLY A 198 18.21 -25.21 9.67
N LEU A 199 16.91 -25.24 9.37
CA LEU A 199 16.12 -26.45 9.57
C LEU A 199 16.23 -27.44 8.41
N SER A 200 15.93 -28.70 8.70
CA SER A 200 15.94 -29.74 7.69
C SER A 200 14.61 -29.76 6.95
N GLU A 201 14.58 -30.48 5.83
CA GLU A 201 13.37 -30.63 5.04
C GLU A 201 12.23 -31.17 5.89
N GLU A 202 12.54 -32.21 6.68
CA GLU A 202 11.57 -32.87 7.53
C GLU A 202 11.01 -31.89 8.57
N ALA A 203 11.89 -31.18 9.26
CA ALA A 203 11.47 -30.22 10.28
C ALA A 203 10.59 -29.09 9.73
N ILE A 204 10.93 -28.54 8.56
CA ILE A 204 10.16 -27.44 7.99
C ILE A 204 8.74 -27.88 7.60
N MET A 205 8.61 -29.09 7.07
CA MET A 205 7.30 -29.62 6.70
C MET A 205 6.45 -29.93 7.93
N GLU A 206 7.08 -29.96 9.09
CA GLU A 206 6.34 -30.19 10.35
C GLU A 206 6.04 -28.90 11.09
N LEU A 207 6.77 -27.84 10.74
CA LEU A 207 6.54 -26.52 11.31
C LEU A 207 5.28 -25.88 10.74
N ASN A 208 4.29 -25.69 11.58
CA ASN A 208 3.07 -25.01 11.16
C ASN A 208 2.93 -23.67 11.86
N LEU A 209 3.28 -22.60 11.14
CA LEU A 209 3.31 -21.27 11.72
C LEU A 209 1.90 -20.81 12.03
N PRO A 210 1.66 -20.38 13.27
CA PRO A 210 0.33 -19.86 13.65
C PRO A 210 -0.06 -18.64 12.79
N THR A 211 -1.36 -18.44 12.62
CA THR A 211 -1.87 -17.35 11.78
C THR A 211 -2.32 -16.15 12.60
N GLY A 212 -2.22 -14.96 12.01
CA GLY A 212 -2.74 -13.76 12.64
C GLY A 212 -1.96 -13.28 13.86
N ILE A 213 -0.81 -13.88 14.10
CA ILE A 213 -0.02 -13.54 15.27
C ILE A 213 1.41 -13.16 14.89
N PRO A 214 1.88 -12.02 15.44
CA PRO A 214 3.22 -11.52 15.16
C PRO A 214 4.24 -12.53 15.68
N ILE A 215 5.18 -12.88 14.82
CA ILE A 215 6.26 -13.80 15.14
C ILE A 215 7.54 -12.95 15.16
N VAL A 216 8.19 -12.88 16.31
CA VAL A 216 9.30 -11.96 16.51
C VAL A 216 10.64 -12.72 16.58
N TYR A 217 11.62 -12.26 15.79
CA TYR A 217 12.97 -12.81 15.85
C TYR A 217 13.94 -11.74 16.35
N GLU A 218 14.83 -12.10 17.27
CA GLU A 218 15.98 -11.24 17.56
C GLU A 218 17.15 -11.84 16.82
N LEU A 219 17.81 -11.04 15.99
CA LEU A 219 18.89 -11.53 15.14
C LEU A 219 20.21 -10.87 15.51
N ASP A 220 21.30 -11.64 15.40
CA ASP A 220 22.65 -11.13 15.65
C ASP A 220 23.20 -10.46 14.39
N LYS A 221 24.46 -10.01 14.45
CA LYS A 221 25.08 -9.29 13.34
C LYS A 221 25.15 -10.14 12.06
N ASN A 222 25.08 -11.45 12.21
CA ASN A 222 25.08 -12.33 11.05
C ASN A 222 23.66 -12.77 10.65
N LEU A 223 22.66 -12.09 11.19
CA LEU A 223 21.25 -12.40 10.94
C LEU A 223 20.92 -13.82 11.41
N LYS A 224 21.59 -14.25 12.46
CA LYS A 224 21.29 -15.55 13.05
C LYS A 224 20.43 -15.32 14.29
N PRO A 225 19.37 -16.13 14.45
CA PRO A 225 18.49 -15.93 15.60
C PRO A 225 19.23 -16.09 16.94
N ILE A 226 18.95 -15.17 17.86
CA ILE A 226 19.55 -15.21 19.18
C ILE A 226 18.71 -16.07 20.12
N LYS A 227 17.43 -16.22 19.80
CA LYS A 227 16.56 -17.09 20.60
C LYS A 227 15.46 -17.67 19.73
N PRO A 228 14.65 -18.57 20.30
CA PRO A 228 13.56 -19.16 19.50
C PRO A 228 12.58 -18.07 19.09
N MET A 229 11.80 -18.29 18.04
CA MET A 229 10.78 -17.34 17.65
C MET A 229 9.85 -17.08 18.84
N GLN A 230 9.46 -15.82 19.04
CA GLN A 230 8.49 -15.48 20.07
C GLN A 230 7.19 -14.98 19.44
N PHE A 231 6.08 -15.23 20.14
CA PHE A 231 4.77 -14.79 19.70
C PHE A 231 4.30 -13.64 20.58
N LEU A 232 3.67 -12.63 19.96
CA LEU A 232 3.10 -11.51 20.69
C LEU A 232 1.60 -11.70 20.87
N GLY A 233 1.09 -11.29 22.03
CA GLY A 233 -0.33 -11.43 22.33
C GLY A 233 -0.58 -11.67 23.81
N ASP A 234 -1.84 -11.85 24.20
CA ASP A 234 -2.20 -12.11 25.58
C ASP A 234 -1.64 -13.45 26.06
N ALA B 1 -6.03 8.08 -27.01
CA ALA B 1 -5.16 9.07 -26.39
C ALA B 1 -3.71 8.58 -26.38
N ALA B 2 -2.78 9.45 -25.96
CA ALA B 2 -1.38 9.07 -25.92
C ALA B 2 -0.97 8.47 -24.57
N TYR B 3 -1.34 9.15 -23.49
CA TYR B 3 -1.08 8.67 -22.12
C TYR B 3 -2.31 8.94 -21.24
N LYS B 4 -2.66 7.98 -20.40
CA LYS B 4 -3.76 8.17 -19.45
C LYS B 4 -3.26 8.31 -18.00
N LEU B 5 -3.76 9.33 -17.32
CA LEU B 5 -3.34 9.64 -15.96
C LEU B 5 -4.57 9.94 -15.10
N VAL B 6 -4.66 9.30 -13.93
CA VAL B 6 -5.77 9.58 -13.01
C VAL B 6 -5.30 10.17 -11.67
N LEU B 7 -5.96 11.25 -11.24
CA LEU B 7 -5.66 11.92 -9.99
C LEU B 7 -6.88 11.84 -9.08
N ILE B 8 -6.65 11.72 -7.78
CA ILE B 8 -7.79 11.80 -6.86
C ILE B 8 -7.40 12.46 -5.55
N ARG B 9 -8.24 13.41 -5.15
CA ARG B 9 -8.06 14.05 -3.87
C ARG B 9 -8.63 13.12 -2.81
N GLY B 11 -10.67 11.56 0.17
CA GLY B 11 -12.03 11.80 0.60
C GLY B 11 -12.09 12.69 1.83
N GLU B 12 -13.26 13.24 2.13
CA GLU B 12 -13.46 14.10 3.30
C GLU B 12 -12.84 13.52 4.58
N SER B 13 -12.10 14.37 5.31
CA SER B 13 -11.44 13.92 6.54
C SER B 13 -12.26 14.33 7.77
N ALA B 14 -11.90 13.78 8.91
CA ALA B 14 -12.60 14.09 10.16
C ALA B 14 -12.48 15.59 10.51
N TRP B 15 -11.37 16.21 10.11
CA TRP B 15 -11.18 17.64 10.34
C TRP B 15 -11.82 18.52 9.26
N ASN B 16 -11.94 18.03 8.03
CA ASN B 16 -12.69 18.76 7.00
C ASN B 16 -14.10 19.00 7.56
N LEU B 17 -14.68 17.97 8.16
CA LEU B 17 -15.94 18.08 8.90
C LEU B 17 -15.94 19.23 9.94
N GLU B 18 -14.93 19.25 10.80
CA GLU B 18 -14.83 20.28 11.87
C GLU B 18 -14.37 21.64 11.33
N ASN B 19 -14.13 21.74 10.03
CA ASN B 19 -13.52 22.93 9.44
C ASN B 19 -12.20 23.35 10.12
N ARG B 20 -11.44 22.36 10.59
CA ARG B 20 -10.15 22.60 11.23
C ARG B 20 -9.05 22.49 10.19
N PHE B 21 -8.11 23.43 10.18
CA PHE B 21 -6.92 23.30 9.31
C PHE B 21 -6.06 22.10 9.71
N SER B 22 -5.93 21.09 8.85
CA SER B 22 -5.07 19.95 9.15
C SER B 22 -3.64 20.18 8.70
N GLY B 23 -3.45 20.50 7.41
CA GLY B 23 -2.13 20.63 6.86
C GLY B 23 -1.43 19.30 7.03
N TRP B 24 -0.27 19.33 7.69
CA TRP B 24 0.49 18.10 7.90
C TRP B 24 -0.04 17.24 9.05
N TYR B 25 -1.00 17.75 9.83
CA TYR B 25 -1.64 16.91 10.83
C TYR B 25 -2.28 15.71 10.13
N ASP B 26 -2.07 14.52 10.67
CA ASP B 26 -2.49 13.31 9.98
C ASP B 26 -3.94 12.91 10.28
N ALA B 27 -4.88 13.79 9.95
CA ALA B 27 -6.31 13.48 10.14
C ALA B 27 -6.76 12.29 9.28
N ASP B 28 -7.59 11.42 9.84
CA ASP B 28 -8.14 10.28 9.11
C ASP B 28 -9.40 10.67 8.32
N LEU B 29 -9.82 9.78 7.41
CA LEU B 29 -11.07 9.98 6.67
C LEU B 29 -12.24 9.97 7.64
N SER B 30 -13.28 10.74 7.35
CA SER B 30 -14.56 10.54 8.04
C SER B 30 -15.28 9.39 7.36
N PRO B 31 -16.33 8.85 7.99
CA PRO B 31 -17.09 7.79 7.33
C PRO B 31 -17.63 8.23 5.97
N ALA B 32 -18.06 9.49 5.85
CA ALA B 32 -18.51 10.01 4.55
C ALA B 32 -17.33 10.08 3.58
N GLY B 33 -16.17 10.46 4.11
CA GLY B 33 -14.95 10.49 3.30
C GLY B 33 -14.60 9.12 2.76
N HIS B 34 -14.77 8.09 3.58
CA HIS B 34 -14.53 6.73 3.14
C HIS B 34 -15.49 6.34 1.99
N GLU B 35 -16.77 6.67 2.14
CA GLU B 35 -17.74 6.35 1.09
C GLU B 35 -17.44 7.06 -0.23
N GLU B 36 -16.98 8.31 -0.16
CA GLU B 36 -16.58 9.04 -1.36
C GLU B 36 -15.50 8.27 -2.12
N ALA B 37 -14.45 7.89 -1.39
CA ALA B 37 -13.35 7.13 -1.98
C ALA B 37 -13.87 5.83 -2.59
N LYS B 38 -14.76 5.17 -1.86
CA LYS B 38 -15.34 3.90 -2.29
C LYS B 38 -16.12 4.08 -3.59
N ARG B 39 -16.92 5.15 -3.64
CA ARG B 39 -17.69 5.47 -4.85
C ARG B 39 -16.81 5.84 -6.03
N GLY B 40 -15.72 6.57 -5.74
CA GLY B 40 -14.75 6.92 -6.77
C GLY B 40 -14.14 5.66 -7.33
N GLY B 41 -13.85 4.71 -6.45
CA GLY B 41 -13.27 3.44 -6.86
C GLY B 41 -14.23 2.65 -7.73
N GLN B 42 -15.51 2.69 -7.37
CA GLN B 42 -16.50 1.94 -8.13
C GLN B 42 -16.68 2.55 -9.51
N ALA B 43 -16.55 3.88 -9.59
CA ALA B 43 -16.59 4.59 -10.85
C ALA B 43 -15.40 4.21 -11.74
N LEU B 44 -14.23 4.04 -11.14
CA LEU B 44 -13.04 3.65 -11.90
C LEU B 44 -13.17 2.20 -12.36
N ARG B 45 -13.81 1.38 -11.54
CA ARG B 45 -14.02 -0.02 -11.88
C ARG B 45 -15.05 -0.20 -13.01
N ASP B 46 -16.16 0.53 -12.94
CA ASP B 46 -17.19 0.43 -13.99
C ASP B 46 -16.63 0.86 -15.33
N ALA B 47 -15.68 1.80 -15.31
CA ALA B 47 -15.06 2.26 -16.54
C ALA B 47 -13.88 1.37 -16.94
N GLY B 48 -13.65 0.29 -16.21
CA GLY B 48 -12.59 -0.66 -16.53
C GLY B 48 -11.17 -0.11 -16.45
N TYR B 49 -10.92 0.84 -15.58
CA TYR B 49 -9.57 1.41 -15.45
C TYR B 49 -8.54 0.43 -14.84
N GLU B 50 -7.35 0.43 -15.43
CA GLU B 50 -6.24 -0.41 -14.97
C GLU B 50 -5.03 0.48 -14.78
N PHE B 51 -4.34 0.28 -13.65
CA PHE B 51 -3.14 1.04 -13.36
C PHE B 51 -1.92 0.12 -13.25
N ASP B 52 -0.72 0.69 -13.26
CA ASP B 52 0.49 -0.09 -13.11
C ASP B 52 1.29 0.35 -11.89
N ILE B 53 1.07 1.59 -11.47
CA ILE B 53 1.78 2.12 -10.31
C ILE B 53 1.00 3.25 -9.65
N CYS B 54 1.14 3.37 -8.33
CA CYS B 54 0.40 4.37 -7.56
C CYS B 54 1.35 5.21 -6.71
N PHE B 55 1.10 6.52 -6.71
CA PHE B 55 1.80 7.47 -5.87
C PHE B 55 0.83 8.13 -4.89
N THR B 56 1.30 8.34 -3.65
CA THR B 56 0.49 8.97 -2.63
C THR B 56 1.39 9.68 -1.62
N SER B 57 0.79 10.31 -0.61
CA SER B 57 1.58 11.08 0.36
C SER B 57 1.94 10.20 1.54
N VAL B 58 2.41 10.79 2.63
CA VAL B 58 2.57 10.02 3.87
C VAL B 58 1.44 10.33 4.86
N GLN B 59 0.31 10.78 4.33
CA GLN B 59 -0.82 11.18 5.16
C GLN B 59 -1.98 10.19 5.00
N LYS B 60 -2.46 9.65 6.11
CA LYS B 60 -3.42 8.53 6.05
C LYS B 60 -4.74 8.85 5.31
N ARG B 61 -5.11 10.12 5.23
CA ARG B 61 -6.34 10.43 4.50
C ARG B 61 -6.17 10.14 3.01
N ALA B 62 -4.96 10.40 2.49
CA ALA B 62 -4.70 10.10 1.10
C ALA B 62 -4.43 8.59 0.93
N ILE B 63 -3.60 8.03 1.80
CA ILE B 63 -3.26 6.61 1.71
C ILE B 63 -4.53 5.74 1.79
N ARG B 64 -5.44 6.08 2.71
CA ARG B 64 -6.65 5.29 2.89
C ARG B 64 -7.58 5.41 1.69
N THR B 65 -7.60 6.59 1.07
CA THR B 65 -8.35 6.79 -0.15
C THR B 65 -7.79 5.84 -1.22
N LEU B 66 -6.47 5.82 -1.35
CA LEU B 66 -5.82 4.91 -2.31
C LEU B 66 -6.20 3.46 -2.04
N TRP B 67 -6.11 3.05 -0.77
CA TRP B 67 -6.43 1.68 -0.38
C TRP B 67 -7.86 1.32 -0.76
N THR B 68 -8.78 2.25 -0.53
CA THR B 68 -10.19 1.99 -0.80
C THR B 68 -10.43 1.89 -2.31
N VAL B 69 -9.75 2.74 -3.08
CA VAL B 69 -9.85 2.67 -4.54
C VAL B 69 -9.25 1.35 -5.05
N LEU B 70 -8.04 1.01 -4.61
CA LEU B 70 -7.40 -0.25 -5.04
C LEU B 70 -8.29 -1.46 -4.72
N ASP B 71 -8.89 -1.46 -3.55
CA ASP B 71 -9.80 -2.53 -3.16
C ASP B 71 -11.02 -2.60 -4.10
N ALA B 72 -11.70 -1.48 -4.32
CA ALA B 72 -12.83 -1.42 -5.25
C ALA B 72 -12.44 -1.88 -6.67
N ILE B 73 -11.25 -1.54 -7.13
CA ILE B 73 -10.87 -1.90 -8.50
C ILE B 73 -10.12 -3.23 -8.61
N ASP B 74 -10.00 -3.96 -7.50
CA ASP B 74 -9.32 -5.27 -7.46
C ASP B 74 -7.86 -5.19 -7.94
N GLN B 75 -7.16 -4.15 -7.48
CA GLN B 75 -5.75 -3.97 -7.82
C GLN B 75 -4.90 -3.66 -6.58
N MET B 76 -5.18 -4.38 -5.49
CA MET B 76 -4.41 -4.23 -4.25
C MET B 76 -2.96 -4.66 -4.43
N TRP B 77 -2.72 -5.47 -5.46
CA TRP B 77 -1.36 -5.94 -5.74
C TRP B 77 -0.42 -4.91 -6.38
N LEU B 78 -0.93 -3.72 -6.74
CA LEU B 78 -0.06 -2.73 -7.41
C LEU B 78 1.03 -2.17 -6.49
N PRO B 79 2.17 -1.79 -7.10
CA PRO B 79 3.22 -1.11 -6.33
C PRO B 79 2.73 0.28 -5.94
N VAL B 80 3.03 0.68 -4.70
CA VAL B 80 2.55 1.94 -4.14
C VAL B 80 3.75 2.68 -3.61
N VAL B 81 3.93 3.93 -4.04
CA VAL B 81 5.04 4.76 -3.58
C VAL B 81 4.51 5.94 -2.76
N ARG B 82 5.02 6.10 -1.54
CA ARG B 82 4.61 7.21 -0.67
C ARG B 82 5.70 8.27 -0.60
N THR B 83 5.32 9.54 -0.61
CA THR B 83 6.27 10.61 -0.43
C THR B 83 5.69 11.81 0.31
N TRP B 84 6.46 12.37 1.24
CA TRP B 84 6.05 13.61 1.90
C TRP B 84 5.81 14.73 0.88
N ARG B 85 6.45 14.62 -0.28
CA ARG B 85 6.38 15.69 -1.27
C ARG B 85 4.99 15.84 -1.87
N LEU B 86 4.14 14.84 -1.67
CA LEU B 86 2.74 14.96 -2.08
C LEU B 86 1.83 15.35 -0.92
N ASN B 87 2.41 15.68 0.24
CA ASN B 87 1.61 16.11 1.38
C ASN B 87 0.79 17.33 1.07
N GLU B 88 -0.31 17.47 1.80
CA GLU B 88 -1.05 18.71 1.84
C GLU B 88 -0.11 19.87 2.20
N ARG B 89 -0.49 21.07 1.81
CA ARG B 89 0.24 22.25 2.20
C ARG B 89 0.37 22.36 3.74
N HIS B 90 1.54 22.78 4.22
CA HIS B 90 1.77 22.96 5.66
C HIS B 90 1.18 24.30 6.11
N TYR B 91 0.16 24.26 6.96
CA TYR B 91 -0.58 25.48 7.32
C TYR B 91 0.02 26.22 8.51
N GLY B 92 1.21 25.81 8.93
CA GLY B 92 1.93 26.55 9.95
C GLY B 92 1.12 26.69 11.24
N GLY B 93 1.07 27.91 11.76
CA GLY B 93 0.43 28.17 13.04
C GLY B 93 -1.07 28.00 12.99
N LEU B 94 -1.65 28.03 11.80
CA LEU B 94 -3.09 27.83 11.64
C LEU B 94 -3.47 26.37 11.87
N THR B 95 -2.49 25.47 11.80
CA THR B 95 -2.75 24.05 12.02
C THR B 95 -3.53 23.86 13.32
N GLY B 96 -4.63 23.13 13.26
CA GLY B 96 -5.40 22.85 14.47
C GLY B 96 -6.51 23.84 14.78
N LEU B 97 -6.49 25.02 14.16
CA LEU B 97 -7.54 26.01 14.38
C LEU B 97 -8.72 25.78 13.43
N ASN B 98 -9.92 26.15 13.86
CA ASN B 98 -11.04 26.16 12.92
C ASN B 98 -11.17 27.54 12.34
N ALA B 100 -13.48 29.80 12.69
CA ALA B 100 -13.89 30.80 13.68
C ALA B 100 -12.68 31.29 14.45
N GLU B 101 -11.91 30.35 14.98
CA GLU B 101 -10.72 30.69 15.77
C GLU B 101 -9.73 31.50 14.94
N THR B 102 -9.60 31.12 13.68
CA THR B 102 -8.71 31.81 12.73
C THR B 102 -9.15 33.27 12.51
N ALA B 103 -10.44 33.46 12.21
CA ALA B 103 -10.98 34.81 12.02
C ALA B 103 -10.86 35.65 13.28
N ALA B 104 -11.21 35.05 14.42
CA ALA B 104 -11.15 35.75 15.70
C ALA B 104 -9.75 36.30 15.97
N LYS B 105 -8.74 35.48 15.76
CA LYS B 105 -7.35 35.82 16.07
C LYS B 105 -6.71 36.76 15.04
N HIS B 106 -6.98 36.53 13.77
CA HIS B 106 -6.25 37.25 12.73
C HIS B 106 -7.06 38.33 12.01
N GLY B 107 -8.39 38.24 12.10
CA GLY B 107 -9.27 39.20 11.42
C GLY B 107 -9.50 38.75 10.00
N GLU B 108 -10.67 39.09 9.43
CA GLU B 108 -11.01 38.50 8.15
C GLU B 108 -10.25 39.11 6.97
N ALA B 109 -9.76 40.33 7.13
CA ALA B 109 -8.89 40.96 6.14
C ALA B 109 -7.64 40.10 5.92
N GLN B 110 -7.02 39.66 7.02
CA GLN B 110 -5.82 38.84 6.91
C GLN B 110 -6.14 37.45 6.38
N VAL B 111 -7.26 36.88 6.81
CA VAL B 111 -7.68 35.59 6.27
C VAL B 111 -7.86 35.68 4.74
N LYS B 112 -8.56 36.73 4.29
CA LYS B 112 -8.75 36.95 2.86
C LYS B 112 -7.40 37.05 2.11
N ILE B 113 -6.48 37.88 2.62
CA ILE B 113 -5.15 37.97 2.04
C ILE B 113 -4.49 36.59 1.87
N TRP B 114 -4.43 35.81 2.95
CA TRP B 114 -3.82 34.47 2.89
C TRP B 114 -4.53 33.65 1.84
N ARG B 115 -5.86 33.73 1.86
CA ARG B 115 -6.72 32.90 1.03
C ARG B 115 -6.47 33.15 -0.46
N ARG B 116 -6.30 34.41 -0.82
CA ARG B 116 -6.17 34.80 -2.22
C ARG B 116 -4.72 34.95 -2.69
N SER B 117 -3.76 34.62 -1.83
CA SER B 117 -2.36 34.84 -2.15
C SER B 117 -1.63 33.54 -2.49
N TYR B 118 -0.88 33.56 -3.59
CA TYR B 118 -0.15 32.39 -4.08
C TYR B 118 1.12 32.19 -3.28
N ASP B 119 1.72 33.28 -2.80
CA ASP B 119 3.07 33.21 -2.22
C ASP B 119 3.24 33.84 -0.84
N VAL B 120 2.15 34.19 -0.16
CA VAL B 120 2.27 34.59 1.24
C VAL B 120 1.92 33.42 2.16
N PRO B 121 2.91 32.94 2.93
CA PRO B 121 2.69 31.80 3.84
C PRO B 121 1.95 32.24 5.09
N PRO B 122 1.22 31.32 5.73
CA PRO B 122 0.60 31.60 7.01
C PRO B 122 1.69 31.74 8.08
N PRO B 123 1.31 32.07 9.32
CA PRO B 123 2.33 32.20 10.37
C PRO B 123 3.01 30.85 10.58
N PRO B 124 4.27 30.87 11.04
CA PRO B 124 4.99 29.60 11.22
C PRO B 124 4.46 28.82 12.42
N MET B 125 4.54 27.49 12.36
CA MET B 125 4.23 26.67 13.50
C MET B 125 5.48 26.63 14.37
N GLU B 126 5.39 27.19 15.57
CA GLU B 126 6.55 27.34 16.42
C GLU B 126 6.56 26.30 17.54
N PRO B 127 7.69 26.17 18.26
CA PRO B 127 7.88 25.07 19.22
C PRO B 127 6.84 25.02 20.34
N ASP B 128 6.09 26.11 20.55
CA ASP B 128 5.05 26.05 21.59
C ASP B 128 3.68 25.74 20.99
N HIS B 129 3.62 25.57 19.67
CA HIS B 129 2.36 25.22 19.03
C HIS B 129 1.92 23.84 19.52
N PRO B 130 0.61 23.66 19.75
CA PRO B 130 0.07 22.39 20.25
C PRO B 130 0.41 21.19 19.35
N PHE B 131 0.70 21.44 18.07
CA PHE B 131 0.93 20.32 17.17
C PHE B 131 2.38 20.25 16.70
N TYR B 132 3.23 21.08 17.30
CA TYR B 132 4.63 21.11 16.92
C TYR B 132 5.30 19.73 16.97
N SER B 133 5.24 19.09 18.13
CA SER B 133 5.92 17.79 18.29
C SER B 133 5.24 16.74 17.42
N ASN B 134 3.92 16.77 17.45
CA ASN B 134 3.11 15.83 16.69
C ASN B 134 3.52 15.77 15.21
N ILE B 135 3.86 16.91 14.64
CA ILE B 135 4.24 16.98 13.23
C ILE B 135 5.78 17.03 13.04
N SER B 136 6.43 18.08 13.57
CA SER B 136 7.86 18.25 13.33
C SER B 136 8.72 17.14 13.92
N LYS B 137 8.26 16.51 14.98
CA LYS B 137 9.04 15.43 15.61
C LYS B 137 8.59 14.03 15.16
N ASP B 138 7.63 13.95 14.25
CA ASP B 138 7.21 12.67 13.70
C ASP B 138 8.37 11.99 12.95
N ARG B 139 8.65 10.74 13.29
CA ARG B 139 9.78 10.04 12.66
C ARG B 139 9.66 9.91 11.14
N ARG B 140 8.43 10.04 10.61
CA ARG B 140 8.26 9.88 9.16
C ARG B 140 9.00 10.98 8.40
N TYR B 141 9.30 12.08 9.11
CA TYR B 141 10.03 13.19 8.49
C TYR B 141 11.50 13.23 8.95
N ALA B 142 11.95 12.16 9.59
CA ALA B 142 13.31 12.11 10.13
C ALA B 142 14.39 12.28 9.06
N ASP B 143 14.12 11.84 7.85
CA ASP B 143 15.11 11.93 6.77
C ASP B 143 15.08 13.27 6.01
N LEU B 144 14.20 14.19 6.38
CA LEU B 144 14.20 15.51 5.75
C LEU B 144 15.37 16.37 6.24
N THR B 145 15.94 17.18 5.35
CA THR B 145 16.95 18.15 5.77
C THR B 145 16.26 19.30 6.51
N GLU B 146 17.02 20.04 7.30
CA GLU B 146 16.51 21.18 8.05
C GLU B 146 15.74 22.15 7.14
N ASP B 147 16.25 22.36 5.94
CA ASP B 147 15.65 23.29 4.97
C ASP B 147 14.35 22.77 4.38
N GLN B 148 14.26 21.44 4.29
CA GLN B 148 13.09 20.78 3.69
C GLN B 148 11.88 20.73 4.62
N LEU B 149 12.13 20.60 5.92
CA LEU B 149 11.04 20.50 6.89
C LEU B 149 10.43 21.87 7.16
N PRO B 150 9.23 22.12 6.60
CA PRO B 150 8.62 23.46 6.68
C PRO B 150 8.15 23.78 8.09
N SER B 151 8.14 25.06 8.43
CA SER B 151 7.42 25.51 9.61
C SER B 151 6.08 26.09 9.13
N CYS B 152 5.97 26.27 7.82
CA CYS B 152 4.75 26.75 7.15
C CYS B 152 5.02 26.83 5.65
N GLU B 153 3.96 26.82 4.85
CA GLU B 153 4.11 26.94 3.40
C GLU B 153 3.05 27.86 2.79
N SER B 154 3.49 28.67 1.81
CA SER B 154 2.58 29.26 0.84
C SER B 154 2.25 28.17 -0.18
N LEU B 155 1.23 28.38 -1.00
CA LEU B 155 0.95 27.42 -2.06
C LEU B 155 2.18 27.23 -2.95
N LYS B 156 2.89 28.31 -3.23
CA LYS B 156 4.08 28.28 -4.06
C LYS B 156 5.14 27.36 -3.47
N ASP B 157 5.34 27.43 -2.15
CA ASP B 157 6.29 26.54 -1.48
C ASP B 157 5.85 25.09 -1.69
N THR B 158 4.56 24.83 -1.50
CA THR B 158 4.02 23.48 -1.59
C THR B 158 4.33 22.93 -2.97
N ILE B 159 3.92 23.69 -3.98
CA ILE B 159 4.18 23.34 -5.36
C ILE B 159 5.69 23.16 -5.64
N ALA B 160 6.52 24.03 -5.09
CA ALA B 160 7.97 23.92 -5.31
C ALA B 160 8.57 22.60 -4.82
N ARG B 161 8.00 22.02 -3.75
CA ARG B 161 8.55 20.76 -3.26
C ARG B 161 7.82 19.55 -3.82
N ALA B 162 6.68 19.81 -4.46
CA ALA B 162 5.90 18.74 -5.07
C ALA B 162 6.37 18.41 -6.49
N LEU B 163 6.65 19.45 -7.28
CA LEU B 163 7.03 19.28 -8.69
C LEU B 163 8.27 18.43 -8.94
N PRO B 164 9.31 18.59 -8.10
CA PRO B 164 10.52 17.77 -8.25
C PRO B 164 10.22 16.29 -8.13
N PHE B 165 9.20 15.92 -7.35
CA PHE B 165 8.87 14.51 -7.26
C PHE B 165 8.15 14.09 -8.53
N TRP B 166 7.28 14.94 -9.02
CA TRP B 166 6.59 14.69 -10.27
C TRP B 166 7.62 14.50 -11.40
N ASN B 167 8.56 15.42 -11.48
CA ASN B 167 9.55 15.41 -12.54
C ASN B 167 10.42 14.17 -12.48
N GLU B 168 10.87 13.84 -11.28
CA GLU B 168 11.88 12.79 -11.13
C GLU B 168 11.30 11.38 -10.98
N GLU B 169 10.10 11.25 -10.43
CA GLU B 169 9.59 9.91 -10.14
C GLU B 169 8.33 9.54 -10.90
N ILE B 170 7.51 10.51 -11.24
CA ILE B 170 6.25 10.20 -11.89
C ILE B 170 6.36 10.26 -13.43
N VAL B 171 6.92 11.35 -13.92
CA VAL B 171 7.13 11.55 -15.36
C VAL B 171 7.81 10.36 -16.05
N PRO B 172 8.92 9.86 -15.48
CA PRO B 172 9.59 8.68 -16.06
C PRO B 172 8.67 7.45 -16.15
N GLN B 173 7.80 7.25 -15.16
CA GLN B 173 6.87 6.14 -15.21
C GLN B 173 5.89 6.34 -16.36
N ILE B 174 5.37 7.55 -16.48
CA ILE B 174 4.44 7.88 -17.54
C ILE B 174 5.06 7.66 -18.93
N LYS B 175 6.24 8.22 -19.15
CA LYS B 175 6.96 8.09 -20.42
C LYS B 175 7.28 6.63 -20.76
N GLU B 176 7.46 5.79 -19.74
CA GLU B 176 7.59 4.35 -19.94
C GLU B 176 6.27 3.75 -20.36
N GLY B 177 5.18 4.51 -20.25
CA GLY B 177 3.88 4.00 -20.61
C GLY B 177 3.16 3.35 -19.44
N LYS B 178 3.73 3.44 -18.25
CA LYS B 178 3.03 2.94 -17.06
C LYS B 178 1.76 3.76 -16.81
N ARG B 179 0.66 3.10 -16.47
CA ARG B 179 -0.58 3.83 -16.15
C ARG B 179 -0.60 4.25 -14.67
N VAL B 180 -0.51 5.55 -14.43
CA VAL B 180 -0.29 6.09 -13.09
C VAL B 180 -1.57 6.54 -12.36
N LEU B 181 -1.69 6.18 -11.10
CA LEU B 181 -2.74 6.70 -10.22
C LEU B 181 -2.08 7.48 -9.08
N ILE B 182 -2.50 8.72 -8.90
CA ILE B 182 -1.99 9.57 -7.83
C ILE B 182 -3.11 9.90 -6.86
N ALA B 183 -2.97 9.47 -5.61
CA ALA B 183 -3.97 9.79 -4.58
C ALA B 183 -3.31 10.72 -3.57
N ALA B 184 -3.80 11.96 -3.51
CA ALA B 184 -3.08 12.97 -2.75
C ALA B 184 -4.02 14.02 -2.18
N HIS B 185 -3.58 15.27 -2.24
CA HIS B 185 -4.26 16.37 -1.56
C HIS B 185 -4.55 17.51 -2.55
N GLY B 186 -5.57 18.32 -2.23
CA GLY B 186 -5.92 19.48 -3.04
C GLY B 186 -4.74 20.35 -3.48
N ASN B 187 -3.90 20.77 -2.54
CA ASN B 187 -2.83 21.68 -2.90
C ASN B 187 -1.64 21.03 -3.58
N SER B 188 -1.36 19.78 -3.25
CA SER B 188 -0.27 19.09 -3.94
C SER B 188 -0.71 18.76 -5.36
N LEU B 189 -1.97 18.39 -5.53
CA LEU B 189 -2.52 18.11 -6.86
C LEU B 189 -2.65 19.37 -7.74
N ARG B 190 -2.81 20.53 -7.11
CA ARG B 190 -2.83 21.79 -7.83
C ARG B 190 -1.50 22.05 -8.52
N GLY B 191 -0.42 21.64 -7.85
CA GLY B 191 0.91 21.79 -8.40
C GLY B 191 0.97 21.04 -9.72
N ILE B 192 0.51 19.79 -9.69
CA ILE B 192 0.49 18.98 -10.89
C ILE B 192 -0.41 19.58 -11.97
N VAL B 193 -1.63 19.94 -11.59
CA VAL B 193 -2.57 20.55 -12.54
C VAL B 193 -2.06 21.85 -13.16
N LYS B 194 -1.53 22.74 -12.32
CA LYS B 194 -0.97 24.00 -12.82
C LYS B 194 0.11 23.70 -13.85
N HIS B 195 0.96 22.74 -13.53
CA HIS B 195 2.10 22.41 -14.38
C HIS B 195 1.65 21.82 -15.72
N LEU B 196 0.67 20.94 -15.67
CA LEU B 196 0.15 20.31 -16.88
C LEU B 196 -0.54 21.29 -17.83
N GLU B 197 -1.30 22.22 -17.27
CA GLU B 197 -2.14 23.10 -18.09
C GLU B 197 -1.52 24.50 -18.21
N GLY B 198 -0.35 24.68 -17.62
CA GLY B 198 0.30 25.99 -17.59
C GLY B 198 -0.59 27.08 -17.02
N LEU B 199 -1.39 26.76 -16.01
CA LEU B 199 -2.33 27.73 -15.47
C LEU B 199 -1.59 28.89 -14.80
N SER B 200 -2.25 30.04 -14.71
CA SER B 200 -1.70 31.20 -14.01
C SER B 200 -1.76 30.99 -12.49
N GLU B 201 -1.08 31.83 -11.74
CA GLU B 201 -1.16 31.76 -10.30
C GLU B 201 -2.59 32.07 -9.84
N GLU B 202 -3.24 33.02 -10.51
CA GLU B 202 -4.58 33.40 -10.15
C GLU B 202 -5.58 32.26 -10.43
N ALA B 203 -5.44 31.62 -11.58
CA ALA B 203 -6.38 30.57 -11.95
C ALA B 203 -6.26 29.34 -11.04
N ILE B 204 -5.03 28.92 -10.74
CA ILE B 204 -4.84 27.73 -9.90
C ILE B 204 -5.45 27.93 -8.50
N MET B 205 -5.29 29.13 -7.95
CA MET B 205 -5.90 29.43 -6.64
C MET B 205 -7.43 29.46 -6.70
N GLU B 206 -7.99 29.44 -7.90
CA GLU B 206 -9.44 29.34 -8.07
C GLU B 206 -9.88 27.90 -8.31
N LEU B 207 -8.92 27.05 -8.69
CA LEU B 207 -9.23 25.64 -8.95
C LEU B 207 -9.55 24.92 -7.65
N ASN B 208 -10.79 24.46 -7.52
CA ASN B 208 -11.18 23.72 -6.33
C ASN B 208 -11.47 22.26 -6.64
N LEU B 209 -10.53 21.40 -6.28
CA LEU B 209 -10.65 19.97 -6.55
C LEU B 209 -11.50 19.33 -5.46
N PRO B 210 -12.52 18.58 -5.86
CA PRO B 210 -13.44 17.97 -4.88
C PRO B 210 -12.86 16.68 -4.29
N THR B 211 -13.22 16.39 -3.05
CA THR B 211 -12.73 15.21 -2.36
C THR B 211 -13.26 13.89 -2.97
N GLY B 212 -12.36 12.92 -3.13
CA GLY B 212 -12.74 11.57 -3.49
C GLY B 212 -13.29 11.33 -4.87
N ILE B 213 -13.06 12.28 -5.77
CA ILE B 213 -13.55 12.15 -7.14
C ILE B 213 -12.39 11.98 -8.10
N PRO B 214 -12.40 10.87 -8.85
CA PRO B 214 -11.34 10.62 -9.82
C PRO B 214 -11.31 11.69 -10.93
N ILE B 215 -10.12 12.21 -11.18
CA ILE B 215 -9.89 13.17 -12.25
C ILE B 215 -9.02 12.52 -13.34
N VAL B 216 -9.47 12.55 -14.59
CA VAL B 216 -8.79 11.85 -15.69
C VAL B 216 -8.11 12.80 -16.67
N TYR B 217 -6.86 12.51 -17.00
CA TYR B 217 -6.11 13.29 -17.98
C TYR B 217 -5.67 12.38 -19.12
N GLU B 218 -5.72 12.92 -20.34
CA GLU B 218 -5.14 12.29 -21.50
C GLU B 218 -4.05 13.23 -22.01
N LEU B 219 -2.81 12.77 -21.99
CA LEU B 219 -1.68 13.64 -22.29
C LEU B 219 -1.06 13.28 -23.63
N ASP B 220 -0.47 14.28 -24.28
CA ASP B 220 0.25 14.04 -25.54
C ASP B 220 1.69 13.61 -25.24
N LYS B 221 2.47 13.37 -26.28
CA LYS B 221 3.83 12.86 -26.13
C LYS B 221 4.71 13.81 -25.32
N ASN B 222 4.30 15.06 -25.24
CA ASN B 222 5.00 16.02 -24.38
C ASN B 222 4.31 16.18 -23.03
N LEU B 223 3.42 15.22 -22.72
CA LEU B 223 2.68 15.24 -21.46
C LEU B 223 1.88 16.53 -21.29
N LYS B 224 1.41 17.06 -22.41
CA LYS B 224 0.46 18.15 -22.41
C LYS B 224 -0.92 17.54 -22.59
N PRO B 225 -1.89 18.02 -21.81
CA PRO B 225 -3.25 17.51 -21.93
C PRO B 225 -3.81 17.78 -23.32
N ILE B 226 -4.45 16.77 -23.92
CA ILE B 226 -5.07 16.89 -25.23
C ILE B 226 -6.50 17.45 -25.10
N LYS B 227 -7.09 17.25 -23.93
CA LYS B 227 -8.40 17.81 -23.61
C LYS B 227 -8.44 18.19 -22.13
N PRO B 228 -9.50 18.90 -21.71
CA PRO B 228 -9.60 19.31 -20.30
C PRO B 228 -9.89 18.13 -19.37
N MET B 229 -9.53 18.29 -18.09
CA MET B 229 -9.73 17.24 -17.10
C MET B 229 -11.19 16.80 -17.09
N GLN B 230 -11.41 15.53 -16.76
CA GLN B 230 -12.76 14.98 -16.68
C GLN B 230 -13.00 14.28 -15.33
N PHE B 231 -14.15 14.53 -14.74
CA PHE B 231 -14.51 13.92 -13.47
C PHE B 231 -15.23 12.60 -13.69
N LEU B 232 -14.89 11.60 -12.90
CA LEU B 232 -15.54 10.29 -12.98
C LEU B 232 -16.50 10.06 -11.83
N GLY B 233 -17.67 9.49 -12.16
CA GLY B 233 -18.68 9.16 -11.17
C GLY B 233 -20.04 9.08 -11.83
N ASP B 234 -21.07 8.79 -11.03
CA ASP B 234 -22.44 8.85 -11.51
C ASP B 234 -22.76 10.27 -12.00
N GLU B 235 -23.85 10.41 -12.75
CA GLU B 235 -24.19 11.70 -13.35
C GLU B 235 -24.43 12.80 -12.32
N GLU B 236 -24.96 12.43 -11.16
CA GLU B 236 -25.18 13.40 -10.08
C GLU B 236 -23.86 13.97 -9.56
N THR B 237 -23.07 13.11 -8.93
CA THR B 237 -21.80 13.53 -8.32
C THR B 237 -20.92 14.25 -9.33
N VAL B 238 -21.00 13.85 -10.60
CA VAL B 238 -20.25 14.51 -11.68
C VAL B 238 -20.75 15.93 -11.95
N ARG B 239 -22.06 16.10 -12.11
CA ARG B 239 -22.67 17.42 -12.30
C ARG B 239 -22.27 18.37 -11.17
N LYS B 240 -22.53 17.94 -9.93
CA LYS B 240 -22.12 18.71 -8.76
C LYS B 240 -20.62 18.59 -8.53
#